data_4PB0
#
_entry.id   4PB0
#
_cell.length_a   151.817
_cell.length_b   151.817
_cell.length_c   102.766
_cell.angle_alpha   90.000
_cell.angle_beta   90.000
_cell.angle_gamma   120.000
#
_symmetry.space_group_name_H-M   'P 61 2 2'
#
loop_
_entity.id
_entity.type
_entity.pdbx_description
1 polymer 'Ab53 heavy chain'
2 polymer 'Ab53 light chain'
3 non-polymer 'SULFATE ION'
4 non-polymer 'CHLORIDE ION'
5 non-polymer 2-AMINO-2-HYDROXYMETHYL-PROPANE-1,3-DIOL
6 water water
#
loop_
_entity_poly.entity_id
_entity_poly.type
_entity_poly.pdbx_seq_one_letter_code
_entity_poly.pdbx_strand_id
1 'polypeptide(L)'
;EVKLLESGGGLVQPGGSMKLSCVASGFTFSIFWMNWVRQSPEKGLEWVAEVRLKSNNYATHYAESVKGRFTISRDDSKSG
VYLQMNNLRAEDTGIYYCTRGYYGSNYGEYWGQGTTLTVSSAKTTAPSVYPLAPVCGDTTGSSVTLGCLVKGYFPEPVTL
TWNSGSLSSGVHTFPAVLQSDLYTLSSSVTVTSSTWPSQSITCNVAHPASSTKVDKKIEP
;
H
2 'polypeptide(L)'
;DVVMTQSPSSLSVTIGQPASISCKSSQSLLDSDGGTYLNWLLQRPGQSPKRLIYLVSKLDSGVPDRFTGSGSGTDFTLKI
SRVEAEDLGIYYCWQGAHFPYTFGGGTKLEIKRADAAPTVSIFPPSSEQLTSGGASVVCFLNNFYPKDINVKWKIDGSER
QNGVLNSWTDQDSKDSTYSMSSTLTLTKDEYERHNSYTCEATHKTSTSPIVKSFNR
;
L
#
# COMPACT_ATOMS: atom_id res chain seq x y z
N GLU A 1 -3.97 18.11 -19.35
CA GLU A 1 -3.45 17.31 -18.25
C GLU A 1 -3.01 15.93 -18.74
N VAL A 2 -1.80 15.53 -18.35
CA VAL A 2 -1.28 14.22 -18.73
C VAL A 2 -1.99 13.10 -17.97
N LYS A 3 -2.71 12.25 -18.69
CA LYS A 3 -3.43 11.15 -18.10
C LYS A 3 -3.02 9.81 -18.70
N LEU A 4 -2.79 8.83 -17.83
CA LEU A 4 -2.43 7.48 -18.25
C LEU A 4 -3.41 6.47 -17.65
N LEU A 5 -4.51 6.22 -18.37
CA LEU A 5 -5.56 5.35 -17.86
C LEU A 5 -5.23 3.87 -18.07
N GLU A 6 -4.94 3.19 -16.96
CA GLU A 6 -4.58 1.77 -17.01
C GLU A 6 -5.77 0.87 -16.73
N SER A 7 -5.78 -0.30 -17.36
CA SER A 7 -6.85 -1.28 -17.16
C SER A 7 -6.42 -2.65 -17.64
N GLY A 8 -7.18 -3.67 -17.24
CA GLY A 8 -6.94 -5.03 -17.72
C GLY A 8 -6.29 -5.96 -16.72
N GLY A 9 -6.25 -5.56 -15.45
CA GLY A 9 -5.67 -6.40 -14.43
C GLY A 9 -6.60 -7.53 -14.02
N GLY A 10 -6.59 -7.87 -12.73
CA GLY A 10 -7.49 -8.86 -12.20
C GLY A 10 -6.86 -10.20 -11.88
N LEU A 11 -7.67 -11.17 -11.51
CA LEU A 11 -7.20 -12.50 -11.15
C LEU A 11 -7.04 -13.41 -12.36
N VAL A 12 -5.89 -14.05 -12.47
CA VAL A 12 -5.62 -14.99 -13.55
C VAL A 12 -4.85 -16.20 -13.04
N GLN A 13 -5.30 -17.39 -13.42
CA GLN A 13 -4.66 -18.63 -12.99
C GLN A 13 -3.25 -18.75 -13.56
N PRO A 14 -2.34 -19.37 -12.79
CA PRO A 14 -0.95 -19.58 -13.23
C PRO A 14 -0.88 -20.27 -14.59
N GLY A 15 -0.07 -19.74 -15.50
CA GLY A 15 0.04 -20.26 -16.84
C GLY A 15 -0.94 -19.59 -17.78
N GLY A 16 -1.80 -18.75 -17.21
CA GLY A 16 -2.81 -18.04 -17.99
C GLY A 16 -2.26 -16.81 -18.67
N SER A 17 -3.12 -16.12 -19.41
CA SER A 17 -2.71 -14.92 -20.13
C SER A 17 -3.55 -13.71 -19.74
N MET A 18 -2.99 -12.52 -19.96
CA MET A 18 -3.67 -11.28 -19.62
C MET A 18 -3.04 -10.11 -20.37
N LYS A 19 -3.87 -9.21 -20.88
CA LYS A 19 -3.38 -8.04 -21.61
C LYS A 19 -3.72 -6.75 -20.87
N LEU A 20 -2.70 -5.96 -20.58
CA LEU A 20 -2.89 -4.68 -19.92
C LEU A 20 -2.95 -3.55 -20.95
N SER A 21 -3.83 -2.58 -20.72
CA SER A 21 -3.98 -1.46 -21.63
C SER A 21 -3.69 -0.13 -20.93
N CYS A 22 -3.10 0.80 -21.66
CA CYS A 22 -2.84 2.14 -21.14
C CYS A 22 -3.21 3.18 -22.18
N VAL A 23 -4.39 3.78 -22.00
CA VAL A 23 -4.85 4.83 -22.90
C VAL A 23 -4.36 6.19 -22.42
N ALA A 24 -3.51 6.81 -23.23
CA ALA A 24 -2.88 8.08 -22.85
C ALA A 24 -3.60 9.26 -23.46
N SER A 25 -3.64 10.37 -22.73
CA SER A 25 -4.26 11.60 -23.22
C SER A 25 -3.57 12.82 -22.60
N GLY A 26 -3.77 13.98 -23.23
CA GLY A 26 -3.22 15.22 -22.72
C GLY A 26 -1.87 15.57 -23.32
N PHE A 27 -1.37 14.71 -24.20
CA PHE A 27 -0.08 14.96 -24.85
C PHE A 27 0.00 14.22 -26.18
N THR A 28 0.97 14.62 -27.01
CA THR A 28 1.22 13.94 -28.27
C THR A 28 1.84 12.58 -28.00
N PHE A 29 1.09 11.52 -28.29
CA PHE A 29 1.48 10.16 -27.92
C PHE A 29 2.70 9.65 -28.69
N SER A 30 2.65 9.78 -30.01
CA SER A 30 3.63 9.14 -30.89
C SER A 30 5.07 9.64 -30.73
N ILE A 31 5.26 10.73 -30.01
CA ILE A 31 6.60 11.29 -29.84
C ILE A 31 7.22 10.95 -28.48
N PHE A 32 6.61 10.04 -27.74
CA PHE A 32 7.14 9.63 -26.44
C PHE A 32 7.33 8.11 -26.36
N TRP A 33 8.45 7.68 -25.78
CA TRP A 33 8.59 6.28 -25.41
C TRP A 33 7.57 6.00 -24.33
N MET A 34 7.09 4.76 -24.27
CA MET A 34 6.15 4.38 -23.23
C MET A 34 6.71 3.17 -22.48
N ASN A 35 6.43 3.09 -21.18
CA ASN A 35 6.96 2.02 -20.36
C ASN A 35 5.90 1.34 -19.52
N TRP A 36 6.19 0.11 -19.10
CA TRP A 36 5.40 -0.57 -18.08
C TRP A 36 6.32 -0.85 -16.89
N VAL A 37 5.85 -0.49 -15.70
CA VAL A 37 6.62 -0.68 -14.48
C VAL A 37 5.75 -1.38 -13.45
N ARG A 38 6.30 -2.37 -12.76
CA ARG A 38 5.53 -3.11 -11.78
C ARG A 38 6.11 -3.02 -10.38
N GLN A 39 5.28 -3.32 -9.39
CA GLN A 39 5.69 -3.26 -8.00
C GLN A 39 5.09 -4.43 -7.21
N SER A 40 5.93 -5.04 -6.39
CA SER A 40 5.50 -6.14 -5.52
C SER A 40 6.26 -6.08 -4.22
N PRO A 41 5.63 -6.50 -3.11
CA PRO A 41 6.27 -6.49 -1.78
C PRO A 41 7.55 -7.31 -1.73
N GLU A 42 7.66 -8.33 -2.60
CA GLU A 42 8.81 -9.21 -2.59
C GLU A 42 10.00 -8.66 -3.39
N LYS A 43 9.71 -8.09 -4.55
CA LYS A 43 10.77 -7.64 -5.46
C LYS A 43 10.89 -6.13 -5.56
N GLY A 44 10.00 -5.40 -4.90
CA GLY A 44 10.02 -3.95 -4.95
C GLY A 44 9.60 -3.40 -6.30
N LEU A 45 10.24 -2.31 -6.70
CA LEU A 45 9.94 -1.69 -8.00
C LEU A 45 10.78 -2.30 -9.11
N GLU A 46 10.13 -2.66 -10.21
CA GLU A 46 10.81 -3.28 -11.34
C GLU A 46 10.36 -2.66 -12.65
N TRP A 47 11.31 -2.34 -13.53
CA TRP A 47 10.98 -1.95 -14.88
C TRP A 47 10.63 -3.20 -15.67
N VAL A 48 9.49 -3.19 -16.35
CA VAL A 48 9.04 -4.35 -17.10
C VAL A 48 9.45 -4.27 -18.57
N ALA A 49 8.99 -3.22 -19.25
CA ALA A 49 9.27 -3.06 -20.67
C ALA A 49 9.33 -1.61 -21.12
N GLU A 50 10.00 -1.38 -22.25
CA GLU A 50 10.10 -0.06 -22.86
C GLU A 50 9.86 -0.17 -24.36
N VAL A 51 9.06 0.75 -24.90
CA VAL A 51 8.82 0.79 -26.34
C VAL A 51 9.15 2.19 -26.88
N ARG A 52 9.84 2.23 -28.00
CA ARG A 52 10.30 3.51 -28.55
C ARG A 52 9.47 3.98 -29.73
N LEU A 53 10.01 4.93 -30.50
CA LEU A 53 9.26 5.61 -31.55
C LEU A 53 9.08 4.79 -32.83
N LYS A 54 8.35 5.34 -33.78
CA LYS A 54 8.00 4.66 -35.02
C LYS A 54 9.17 4.44 -35.98
N SER A 55 10.03 5.45 -36.10
CA SER A 55 11.13 5.42 -37.07
C SER A 55 12.07 4.24 -36.85
N ASN A 56 12.11 3.75 -35.61
CA ASN A 56 12.92 2.58 -35.28
C ASN A 56 12.09 1.32 -35.24
N ASN A 57 10.94 1.35 -35.91
CA ASN A 57 9.99 0.24 -35.94
C ASN A 57 9.58 -0.23 -34.55
N TYR A 58 9.46 0.72 -33.64
CA TYR A 58 9.04 0.46 -32.26
C TYR A 58 9.93 -0.57 -31.57
N ALA A 59 11.19 -0.21 -31.38
CA ALA A 59 12.14 -1.08 -30.68
C ALA A 59 11.68 -1.34 -29.25
N THR A 60 11.78 -2.60 -28.82
CA THR A 60 11.32 -2.97 -27.49
C THR A 60 12.44 -3.52 -26.63
N HIS A 61 12.38 -3.25 -25.33
CA HIS A 61 13.35 -3.75 -24.39
C HIS A 61 12.64 -4.28 -23.15
N TYR A 62 13.00 -5.48 -22.71
CA TYR A 62 12.29 -6.13 -21.61
C TYR A 62 13.21 -6.50 -20.46
N ALA A 63 12.63 -6.62 -19.27
CA ALA A 63 13.33 -7.19 -18.12
C ALA A 63 13.53 -8.68 -18.40
N GLU A 64 14.57 -9.25 -17.81
CA GLU A 64 14.92 -10.66 -18.07
C GLU A 64 13.80 -11.63 -17.76
N SER A 65 13.19 -11.49 -16.59
CA SER A 65 12.19 -12.45 -16.11
C SER A 65 10.91 -12.46 -16.92
N VAL A 66 10.76 -11.50 -17.83
CA VAL A 66 9.55 -11.41 -18.63
C VAL A 66 9.82 -11.58 -20.13
N LYS A 67 11.08 -11.77 -20.48
CA LYS A 67 11.46 -12.03 -21.88
C LYS A 67 10.84 -13.33 -22.38
N GLY A 68 10.25 -13.28 -23.56
CA GLY A 68 9.64 -14.45 -24.16
C GLY A 68 8.23 -14.69 -23.68
N ARG A 69 7.83 -13.98 -22.62
CA ARG A 69 6.50 -14.13 -22.05
C ARG A 69 5.69 -12.85 -22.22
N PHE A 70 6.35 -11.71 -22.07
CA PHE A 70 5.69 -10.42 -22.16
C PHE A 70 6.00 -9.73 -23.47
N THR A 71 5.01 -9.02 -24.01
CA THR A 71 5.18 -8.26 -25.24
C THR A 71 4.55 -6.88 -25.12
N ILE A 72 5.38 -5.85 -25.13
CA ILE A 72 4.88 -4.48 -25.11
C ILE A 72 4.66 -3.99 -26.54
N SER A 73 3.57 -3.27 -26.76
CA SER A 73 3.24 -2.74 -28.08
C SER A 73 2.52 -1.42 -27.96
N ARG A 74 2.46 -0.67 -29.05
CA ARG A 74 1.80 0.63 -29.04
C ARG A 74 0.97 0.87 -30.29
N ASP A 75 -0.15 1.57 -30.13
CA ASP A 75 -0.98 1.96 -31.26
C ASP A 75 -1.11 3.48 -31.24
N ASP A 76 -0.27 4.15 -32.03
CA ASP A 76 -0.22 5.61 -32.04
C ASP A 76 -1.56 6.25 -32.41
N SER A 77 -2.40 5.51 -33.13
CA SER A 77 -3.72 6.01 -33.50
C SER A 77 -4.64 6.10 -32.29
N LYS A 78 -4.68 5.03 -31.51
CA LYS A 78 -5.53 4.97 -30.33
C LYS A 78 -4.86 5.61 -29.10
N SER A 79 -3.63 6.09 -29.30
CA SER A 79 -2.83 6.65 -28.21
C SER A 79 -2.71 5.67 -27.05
N GLY A 80 -2.44 4.41 -27.37
CA GLY A 80 -2.37 3.38 -26.35
C GLY A 80 -1.13 2.52 -26.41
N VAL A 81 -0.62 2.16 -25.23
CA VAL A 81 0.48 1.20 -25.12
C VAL A 81 -0.03 -0.02 -24.36
N TYR A 82 0.33 -1.21 -24.84
CA TYR A 82 -0.23 -2.43 -24.30
C TYR A 82 0.84 -3.42 -23.84
N LEU A 83 0.47 -4.31 -22.91
CA LEU A 83 1.38 -5.31 -22.40
C LEU A 83 0.74 -6.70 -22.39
N GLN A 84 0.99 -7.46 -23.45
CA GLN A 84 0.46 -8.83 -23.54
C GLN A 84 1.31 -9.76 -22.68
N MET A 85 0.66 -10.44 -21.73
CA MET A 85 1.38 -11.31 -20.80
C MET A 85 0.96 -12.76 -20.96
N ASN A 86 1.93 -13.62 -21.28
CA ASN A 86 1.67 -15.04 -21.42
C ASN A 86 2.43 -15.86 -20.38
N ASN A 87 1.96 -17.08 -20.13
CA ASN A 87 2.58 -17.99 -19.18
C ASN A 87 2.86 -17.33 -17.82
N LEU A 88 1.82 -16.70 -17.27
CA LEU A 88 1.96 -15.96 -16.01
C LEU A 88 2.23 -16.88 -14.84
N ARG A 89 3.15 -16.46 -13.98
CA ARG A 89 3.42 -17.17 -12.73
C ARG A 89 3.16 -16.24 -11.54
N ALA A 90 3.22 -16.80 -10.34
CA ALA A 90 2.86 -16.06 -9.14
C ALA A 90 3.74 -14.82 -8.92
N GLU A 91 4.97 -14.89 -9.39
CA GLU A 91 5.92 -13.79 -9.22
C GLU A 91 5.55 -12.56 -10.04
N ASP A 92 4.60 -12.72 -10.96
CA ASP A 92 4.15 -11.61 -11.80
C ASP A 92 3.06 -10.78 -11.12
N THR A 93 2.65 -11.23 -9.93
CA THR A 93 1.62 -10.54 -9.16
C THR A 93 2.13 -9.17 -8.68
N GLY A 94 1.30 -8.14 -8.85
CA GLY A 94 1.65 -6.82 -8.37
C GLY A 94 0.87 -5.69 -9.01
N ILE A 95 1.33 -4.46 -8.78
CA ILE A 95 0.72 -3.28 -9.36
C ILE A 95 1.53 -2.87 -10.58
N TYR A 96 0.85 -2.68 -11.71
CA TYR A 96 1.52 -2.33 -12.96
C TYR A 96 1.27 -0.88 -13.37
N TYR A 97 2.34 -0.10 -13.45
CA TYR A 97 2.23 1.32 -13.81
C TYR A 97 2.60 1.58 -15.26
N CYS A 98 1.80 2.40 -15.92
CA CYS A 98 2.13 2.91 -17.24
C CYS A 98 2.81 4.26 -17.08
N THR A 99 4.00 4.40 -17.66
CA THR A 99 4.76 5.66 -17.54
C THR A 99 5.07 6.26 -18.91
N ARG A 100 5.20 7.59 -18.96
CA ARG A 100 5.49 8.29 -20.20
C ARG A 100 6.93 8.77 -20.31
N GLY A 101 7.60 8.37 -21.38
CA GLY A 101 8.91 8.91 -21.69
C GLY A 101 10.06 8.35 -20.89
N TYR A 102 11.27 8.79 -21.21
CA TYR A 102 12.47 8.39 -20.49
C TYR A 102 12.47 8.99 -19.09
N TYR A 103 12.52 8.11 -18.08
CA TYR A 103 12.33 8.50 -16.69
C TYR A 103 13.54 9.25 -16.13
N GLY A 104 14.69 9.11 -16.78
CA GLY A 104 15.91 9.70 -16.27
C GLY A 104 16.10 11.16 -16.63
N SER A 105 15.22 11.68 -17.48
CA SER A 105 15.33 13.07 -17.91
C SER A 105 14.05 13.85 -17.67
N ASN A 106 14.10 15.14 -17.96
CA ASN A 106 12.95 16.02 -17.79
C ASN A 106 11.78 15.56 -18.66
N TYR A 107 10.57 15.96 -18.26
CA TYR A 107 9.32 15.62 -18.95
C TYR A 107 8.92 14.15 -18.82
N GLY A 108 9.72 13.36 -18.12
CA GLY A 108 9.47 11.93 -18.03
C GLY A 108 9.03 11.41 -16.67
N GLU A 109 8.45 12.29 -15.85
CA GLU A 109 8.11 11.92 -14.48
C GLU A 109 6.73 11.29 -14.32
N TYR A 110 5.90 11.37 -15.37
CA TYR A 110 4.50 10.97 -15.27
C TYR A 110 4.26 9.46 -15.22
N TRP A 111 3.67 9.00 -14.13
CA TRP A 111 3.22 7.62 -14.01
C TRP A 111 1.71 7.60 -13.82
N GLY A 112 1.08 6.52 -14.27
CA GLY A 112 -0.34 6.32 -14.02
C GLY A 112 -0.57 5.76 -12.63
N GLN A 113 -1.82 5.74 -12.20
CA GLN A 113 -2.16 5.22 -10.87
C GLN A 113 -1.94 3.71 -10.78
N GLY A 114 -1.95 3.05 -11.93
CA GLY A 114 -1.64 1.63 -11.99
C GLY A 114 -2.85 0.71 -11.93
N THR A 115 -2.64 -0.53 -12.35
CA THR A 115 -3.68 -1.55 -12.24
C THR A 115 -3.09 -2.81 -11.63
N THR A 116 -3.88 -3.51 -10.82
CA THR A 116 -3.38 -4.65 -10.07
C THR A 116 -3.54 -5.97 -10.82
N LEU A 117 -2.53 -6.81 -10.72
CA LEU A 117 -2.56 -8.15 -11.31
C LEU A 117 -2.34 -9.20 -10.23
N THR A 118 -3.23 -10.17 -10.15
CA THR A 118 -3.11 -11.26 -9.19
C THR A 118 -3.05 -12.61 -9.89
N VAL A 119 -1.91 -13.30 -9.75
CA VAL A 119 -1.75 -14.63 -10.33
C VAL A 119 -1.81 -15.69 -9.25
N SER A 120 -2.93 -16.39 -9.17
CA SER A 120 -3.15 -17.38 -8.12
C SER A 120 -4.11 -18.48 -8.55
N SER A 121 -4.04 -19.61 -7.85
CA SER A 121 -4.95 -20.73 -8.12
C SER A 121 -6.21 -20.62 -7.28
N ALA A 122 -6.13 -19.81 -6.22
CA ALA A 122 -7.26 -19.61 -5.32
C ALA A 122 -8.42 -18.95 -6.05
N LYS A 123 -9.64 -19.39 -5.74
CA LYS A 123 -10.82 -18.90 -6.45
C LYS A 123 -11.45 -17.68 -5.78
N THR A 124 -12.30 -16.99 -6.54
CA THR A 124 -12.94 -15.76 -6.08
C THR A 124 -13.98 -16.05 -5.01
N THR A 125 -13.80 -15.45 -3.83
CA THR A 125 -14.74 -15.63 -2.72
C THR A 125 -15.31 -14.27 -2.29
N ALA A 126 -16.58 -14.27 -1.91
CA ALA A 126 -17.25 -13.06 -1.46
C ALA A 126 -16.94 -12.79 0.01
N PRO A 127 -16.77 -11.51 0.37
CA PRO A 127 -16.44 -11.12 1.75
C PRO A 127 -17.65 -11.22 2.69
N SER A 128 -17.40 -11.64 3.92
CA SER A 128 -18.43 -11.62 4.95
C SER A 128 -18.30 -10.33 5.75
N VAL A 129 -19.34 -9.50 5.73
CA VAL A 129 -19.30 -8.20 6.39
C VAL A 129 -20.09 -8.19 7.70
N TYR A 130 -19.43 -7.76 8.76
CA TYR A 130 -20.03 -7.73 10.09
C TYR A 130 -19.90 -6.35 10.72
N PRO A 131 -21.03 -5.66 10.91
CA PRO A 131 -21.02 -4.36 11.60
C PRO A 131 -20.67 -4.53 13.07
N LEU A 132 -19.74 -3.73 13.57
CA LEU A 132 -19.26 -3.88 14.94
C LEU A 132 -19.77 -2.77 15.85
N ALA A 133 -20.67 -3.14 16.76
CA ALA A 133 -21.21 -2.20 17.74
C ALA A 133 -20.42 -2.34 19.05
N PRO A 134 -20.30 -1.23 19.80
CA PRO A 134 -19.58 -1.26 21.08
C PRO A 134 -20.26 -2.16 22.10
N VAL A 135 -19.51 -2.58 23.12
CA VAL A 135 -20.04 -3.46 24.15
C VAL A 135 -21.10 -2.76 24.98
N SER A 142 -16.22 9.05 26.86
CA SER A 142 -16.16 10.33 26.15
C SER A 142 -16.77 10.22 24.76
N SER A 143 -16.07 9.52 23.87
CA SER A 143 -16.55 9.35 22.49
C SER A 143 -16.86 7.89 22.18
N VAL A 144 -17.45 7.65 21.01
CA VAL A 144 -17.83 6.30 20.62
C VAL A 144 -17.04 5.83 19.40
N THR A 145 -16.51 4.61 19.50
CA THR A 145 -15.76 4.01 18.39
C THR A 145 -16.55 2.87 17.76
N LEU A 146 -16.78 2.96 16.45
CA LEU A 146 -17.49 1.92 15.72
C LEU A 146 -16.54 1.18 14.78
N GLY A 147 -16.88 -0.05 14.43
CA GLY A 147 -16.04 -0.85 13.57
C GLY A 147 -16.79 -1.62 12.50
N CYS A 148 -16.05 -2.14 11.53
CA CYS A 148 -16.62 -2.94 10.45
C CYS A 148 -15.63 -4.01 10.01
N LEU A 149 -16.11 -5.24 9.91
CA LEU A 149 -15.23 -6.38 9.63
C LEU A 149 -15.50 -7.00 8.26
N VAL A 150 -14.53 -6.88 7.36
CA VAL A 150 -14.60 -7.50 6.05
C VAL A 150 -13.75 -8.77 6.06
N LYS A 151 -14.40 -9.92 6.14
CA LYS A 151 -13.68 -11.17 6.35
C LYS A 151 -13.82 -12.17 5.21
N GLY A 152 -12.73 -12.85 4.89
CA GLY A 152 -12.73 -13.95 3.94
C GLY A 152 -13.08 -13.57 2.53
N TYR A 153 -12.24 -12.77 1.89
CA TYR A 153 -12.44 -12.41 0.49
C TYR A 153 -11.18 -12.61 -0.34
N PHE A 154 -11.36 -12.79 -1.64
CA PHE A 154 -10.26 -12.98 -2.57
C PHE A 154 -10.77 -12.80 -4.00
N PRO A 155 -10.00 -12.07 -4.83
CA PRO A 155 -8.74 -11.43 -4.46
C PRO A 155 -8.96 -9.99 -4.03
N GLU A 156 -7.86 -9.26 -3.87
CA GLU A 156 -7.91 -7.82 -3.60
C GLU A 156 -8.40 -7.08 -4.85
N PRO A 157 -8.92 -5.86 -4.68
CA PRO A 157 -9.12 -5.15 -3.41
C PRO A 157 -10.60 -5.03 -3.04
N VAL A 158 -10.85 -4.38 -1.91
CA VAL A 158 -12.19 -3.98 -1.52
C VAL A 158 -12.19 -2.49 -1.18
N THR A 159 -13.34 -1.86 -1.24
CA THR A 159 -13.45 -0.44 -0.94
C THR A 159 -14.43 -0.19 0.20
N LEU A 160 -13.89 0.14 1.38
CA LEU A 160 -14.73 0.40 2.54
C LEU A 160 -14.90 1.90 2.74
N THR A 161 -16.16 2.35 2.70
CA THR A 161 -16.49 3.74 2.99
C THR A 161 -17.56 3.80 4.06
N TRP A 162 -17.65 4.94 4.75
CA TRP A 162 -18.64 5.13 5.80
C TRP A 162 -19.69 6.14 5.38
N ASN A 163 -20.96 5.72 5.42
CA ASN A 163 -22.08 6.56 5.01
C ASN A 163 -21.93 7.11 3.59
N SER A 164 -21.63 6.23 2.66
CA SER A 164 -21.48 6.58 1.25
C SER A 164 -20.41 7.64 1.01
N GLY A 165 -19.35 7.62 1.81
CA GLY A 165 -18.24 8.52 1.65
C GLY A 165 -18.39 9.84 2.39
N SER A 166 -19.55 10.05 3.00
CA SER A 166 -19.79 11.28 3.75
C SER A 166 -18.92 11.35 4.99
N LEU A 167 -18.92 10.26 5.76
CA LEU A 167 -18.08 10.17 6.96
C LEU A 167 -16.65 9.86 6.53
N SER A 168 -15.77 10.85 6.60
CA SER A 168 -14.41 10.70 6.14
C SER A 168 -13.37 10.92 7.25
N SER A 169 -13.75 11.71 8.26
CA SER A 169 -12.86 12.02 9.36
C SER A 169 -12.90 10.95 10.44
N GLY A 170 -11.78 10.78 11.15
CA GLY A 170 -11.70 9.80 12.21
C GLY A 170 -11.88 8.37 11.72
N VAL A 171 -11.31 8.07 10.55
CA VAL A 171 -11.45 6.76 9.95
C VAL A 171 -10.10 6.05 9.80
N HIS A 172 -10.03 4.81 10.25
CA HIS A 172 -8.82 4.01 10.12
C HIS A 172 -9.11 2.70 9.39
N THR A 173 -8.94 2.71 8.07
CA THR A 173 -9.09 1.49 7.28
C THR A 173 -7.76 0.74 7.27
N PHE A 174 -7.77 -0.45 7.87
CA PHE A 174 -6.55 -1.24 8.01
C PHE A 174 -6.29 -2.08 6.76
N PRO A 175 -5.02 -2.14 6.35
CA PRO A 175 -4.58 -2.90 5.17
C PRO A 175 -4.98 -4.37 5.26
N ALA A 176 -5.31 -4.96 4.11
CA ALA A 176 -5.73 -6.35 4.06
C ALA A 176 -4.62 -7.31 4.48
N VAL A 177 -5.00 -8.39 5.14
CA VAL A 177 -4.05 -9.42 5.55
C VAL A 177 -4.45 -10.76 4.97
N LEU A 178 -3.52 -11.42 4.31
CA LEU A 178 -3.80 -12.71 3.67
C LEU A 178 -3.61 -13.86 4.64
N GLN A 179 -4.68 -14.62 4.87
CA GLN A 179 -4.61 -15.79 5.74
C GLN A 179 -5.38 -16.95 5.10
N SER A 180 -4.64 -17.99 4.71
CA SER A 180 -5.20 -19.16 4.04
C SER A 180 -5.95 -18.78 2.76
N ASP A 181 -5.27 -18.06 1.88
CA ASP A 181 -5.83 -17.62 0.60
C ASP A 181 -7.11 -16.79 0.75
N LEU A 182 -7.29 -16.18 1.91
CA LEU A 182 -8.43 -15.31 2.16
C LEU A 182 -7.97 -14.03 2.86
N TYR A 183 -8.45 -12.90 2.37
CA TYR A 183 -8.10 -11.61 2.97
C TYR A 183 -9.09 -11.20 4.05
N THR A 184 -8.59 -10.48 5.05
CA THR A 184 -9.44 -9.92 6.10
C THR A 184 -9.11 -8.45 6.30
N LEU A 185 -10.12 -7.60 6.19
CA LEU A 185 -9.95 -6.17 6.34
C LEU A 185 -10.89 -5.61 7.40
N SER A 186 -10.42 -4.64 8.16
CA SER A 186 -11.25 -4.00 9.18
C SER A 186 -11.08 -2.49 9.13
N SER A 187 -12.05 -1.77 9.69
CA SER A 187 -12.01 -0.32 9.72
C SER A 187 -12.69 0.24 10.96
N SER A 188 -12.10 1.26 11.55
CA SER A 188 -12.66 1.89 12.75
C SER A 188 -13.12 3.31 12.46
N VAL A 189 -14.18 3.72 13.14
CA VAL A 189 -14.68 5.09 13.04
C VAL A 189 -14.97 5.65 14.43
N THR A 190 -14.50 6.88 14.66
CA THR A 190 -14.73 7.55 15.94
C THR A 190 -15.50 8.84 15.76
N VAL A 191 -16.71 8.86 16.30
CA VAL A 191 -17.56 10.04 16.24
C VAL A 191 -17.91 10.49 17.66
N THR A 192 -18.38 11.73 17.79
CA THR A 192 -18.83 12.23 19.08
C THR A 192 -20.06 11.46 19.54
N SER A 193 -20.16 11.21 20.84
CA SER A 193 -21.21 10.36 21.40
C SER A 193 -22.62 10.95 21.24
N SER A 194 -22.69 12.22 20.85
CA SER A 194 -23.98 12.88 20.67
C SER A 194 -24.58 12.63 19.28
N THR A 195 -23.77 12.06 18.39
CA THR A 195 -24.23 11.78 17.03
C THR A 195 -24.66 10.33 16.85
N TRP A 196 -24.07 9.43 17.64
CA TRP A 196 -24.42 8.02 17.58
C TRP A 196 -24.84 7.52 18.96
N PRO A 197 -25.92 6.72 19.03
CA PRO A 197 -26.74 6.27 17.91
C PRO A 197 -27.85 7.25 17.53
N SER A 198 -27.62 8.55 17.72
CA SER A 198 -28.59 9.56 17.33
C SER A 198 -28.80 9.54 15.82
N GLN A 199 -27.71 9.67 15.08
CA GLN A 199 -27.76 9.52 13.63
C GLN A 199 -27.53 8.07 13.26
N SER A 200 -27.43 7.80 11.96
CA SER A 200 -27.19 6.44 11.48
C SER A 200 -25.81 6.32 10.85
N ILE A 201 -25.07 5.29 11.26
CA ILE A 201 -23.75 5.03 10.70
C ILE A 201 -23.69 3.63 10.08
N THR A 202 -23.43 3.59 8.78
CA THR A 202 -23.44 2.33 8.03
C THR A 202 -22.10 2.08 7.33
N CYS A 203 -21.60 0.87 7.46
CA CYS A 203 -20.36 0.47 6.79
C CYS A 203 -20.64 0.01 5.37
N ASN A 204 -20.02 0.67 4.40
CA ASN A 204 -20.22 0.33 2.99
C ASN A 204 -19.02 -0.43 2.43
N VAL A 205 -19.25 -1.68 2.04
CA VAL A 205 -18.18 -2.53 1.52
C VAL A 205 -18.48 -3.00 0.11
N ALA A 206 -17.52 -2.84 -0.79
CA ALA A 206 -17.70 -3.24 -2.18
C ALA A 206 -16.59 -4.18 -2.65
N HIS A 207 -16.98 -5.32 -3.20
CA HIS A 207 -16.02 -6.28 -3.76
C HIS A 207 -16.43 -6.61 -5.19
N PRO A 208 -15.86 -5.87 -6.16
CA PRO A 208 -16.22 -5.99 -7.58
C PRO A 208 -15.87 -7.34 -8.18
N ALA A 209 -14.85 -8.01 -7.65
CA ALA A 209 -14.44 -9.31 -8.16
C ALA A 209 -15.53 -10.36 -7.99
N SER A 210 -16.28 -10.24 -6.89
CA SER A 210 -17.39 -11.16 -6.63
C SER A 210 -18.73 -10.47 -6.85
N SER A 211 -18.67 -9.28 -7.47
CA SER A 211 -19.86 -8.47 -7.71
C SER A 211 -20.63 -8.21 -6.43
N THR A 212 -19.93 -7.73 -5.41
CA THR A 212 -20.52 -7.52 -4.09
C THR A 212 -20.61 -6.05 -3.71
N LYS A 213 -21.81 -5.61 -3.35
CA LYS A 213 -22.05 -4.26 -2.85
C LYS A 213 -23.03 -4.34 -1.69
N VAL A 214 -22.51 -4.44 -0.47
CA VAL A 214 -23.35 -4.65 0.71
C VAL A 214 -23.14 -3.60 1.78
N ASP A 215 -24.24 -3.04 2.28
CA ASP A 215 -24.20 -2.07 3.37
C ASP A 215 -24.71 -2.70 4.66
N LYS A 216 -24.01 -2.45 5.76
CA LYS A 216 -24.39 -3.00 7.06
C LYS A 216 -24.51 -1.91 8.12
N LYS A 217 -25.73 -1.66 8.56
CA LYS A 217 -25.97 -0.66 9.60
C LYS A 217 -25.46 -1.13 10.96
N ILE A 218 -24.99 -0.18 11.77
CA ILE A 218 -24.48 -0.50 13.09
C ILE A 218 -25.54 -0.25 14.17
N GLU A 219 -25.93 -1.32 14.86
CA GLU A 219 -26.97 -1.24 15.88
C GLU A 219 -26.49 -1.78 17.21
N PRO A 220 -26.79 -1.07 18.31
CA PRO A 220 -26.41 -1.48 19.66
C PRO A 220 -26.98 -2.84 20.04
N ASP B 1 21.99 -6.66 -14.67
CA ASP B 1 21.21 -5.58 -14.10
C ASP B 1 21.99 -4.85 -13.02
N VAL B 2 22.18 -3.55 -13.20
CA VAL B 2 22.90 -2.73 -12.23
C VAL B 2 22.20 -2.74 -10.88
N VAL B 3 22.96 -3.07 -9.83
CA VAL B 3 22.41 -3.15 -8.48
C VAL B 3 22.49 -1.81 -7.75
N MET B 4 21.35 -1.34 -7.25
CA MET B 4 21.28 -0.10 -6.50
C MET B 4 21.10 -0.41 -5.02
N THR B 5 22.11 -0.08 -4.22
CA THR B 5 22.07 -0.38 -2.79
C THR B 5 21.81 0.87 -1.96
N GLN B 6 20.74 0.85 -1.19
CA GLN B 6 20.38 1.98 -0.33
C GLN B 6 20.67 1.69 1.13
N SER B 7 21.11 2.72 1.85
CA SER B 7 21.33 2.63 3.29
C SER B 7 20.99 3.98 3.92
N PRO B 8 20.24 3.95 5.04
CA PRO B 8 19.74 2.74 5.69
C PRO B 8 18.41 2.26 5.12
N SER B 9 17.90 1.15 5.62
CA SER B 9 16.61 0.63 5.19
C SER B 9 15.48 1.43 5.82
N SER B 10 15.68 1.84 7.08
CA SER B 10 14.68 2.63 7.79
C SER B 10 15.34 3.86 8.42
N LEU B 11 14.67 4.99 8.31
CA LEU B 11 15.18 6.24 8.84
C LEU B 11 14.13 6.92 9.72
N SER B 12 14.48 7.15 10.99
CA SER B 12 13.57 7.79 11.92
C SER B 12 14.10 9.17 12.33
N VAL B 13 13.38 10.21 11.92
CA VAL B 13 13.84 11.58 12.11
C VAL B 13 12.78 12.44 12.80
N THR B 14 13.23 13.30 13.72
CA THR B 14 12.36 14.27 14.36
C THR B 14 12.16 15.47 13.44
N ILE B 15 11.00 16.13 13.55
CA ILE B 15 10.70 17.30 12.75
C ILE B 15 11.76 18.39 12.89
N GLY B 16 12.24 18.90 11.75
CA GLY B 16 13.20 19.98 11.74
C GLY B 16 14.63 19.51 11.62
N GLN B 17 14.86 18.24 11.98
CA GLN B 17 16.20 17.67 11.89
C GLN B 17 16.56 17.38 10.45
N PRO B 18 17.86 17.50 10.11
CA PRO B 18 18.34 17.13 8.79
C PRO B 18 18.51 15.61 8.69
N ALA B 19 18.35 15.07 7.48
CA ALA B 19 18.49 13.63 7.27
C ALA B 19 19.06 13.35 5.88
N SER B 20 19.74 12.22 5.74
CA SER B 20 20.34 11.87 4.47
C SER B 20 20.15 10.40 4.12
N ILE B 21 20.04 10.11 2.83
CA ILE B 21 19.90 8.75 2.35
C ILE B 21 20.99 8.44 1.33
N SER B 22 21.68 7.33 1.53
CA SER B 22 22.79 6.94 0.67
C SER B 22 22.36 5.95 -0.40
N CYS B 23 22.97 6.03 -1.57
CA CYS B 23 22.67 5.13 -2.67
C CYS B 23 23.93 4.84 -3.47
N LYS B 24 24.30 3.56 -3.55
CA LYS B 24 25.50 3.16 -4.27
C LYS B 24 25.17 2.18 -5.39
N SER B 25 25.71 2.43 -6.58
CA SER B 25 25.45 1.59 -7.74
C SER B 25 26.59 0.64 -8.01
N SER B 26 26.28 -0.53 -8.58
CA SER B 26 27.29 -1.53 -8.88
C SER B 26 28.20 -1.07 -10.02
N GLN B 27 27.65 -0.26 -10.92
CA GLN B 27 28.41 0.30 -12.02
C GLN B 27 28.26 1.81 -12.03
N SER B 28 29.20 2.49 -12.68
CA SER B 28 29.14 3.94 -12.81
C SER B 28 27.89 4.36 -13.59
N LEU B 29 27.26 5.44 -13.15
CA LEU B 29 26.07 5.93 -13.82
C LEU B 29 26.38 7.10 -14.73
N LEU B 30 27.67 7.43 -14.83
CA LEU B 30 28.13 8.47 -15.75
C LEU B 30 28.12 7.92 -17.18
N ASP B 31 27.24 8.47 -18.00
CA ASP B 31 27.10 8.02 -19.38
C ASP B 31 28.13 8.70 -20.26
N SER B 32 28.25 8.22 -21.50
CA SER B 32 29.21 8.76 -22.45
C SER B 32 28.91 10.20 -22.85
N ASP B 33 27.63 10.57 -22.78
CA ASP B 33 27.21 11.92 -23.15
C ASP B 33 27.48 12.96 -22.07
N GLY B 34 28.15 12.54 -21.00
CA GLY B 34 28.52 13.45 -19.93
C GLY B 34 27.49 13.53 -18.82
N GLY B 35 26.31 12.96 -19.06
CA GLY B 35 25.25 12.99 -18.08
C GLY B 35 25.28 11.81 -17.13
N THR B 36 24.92 12.06 -15.87
CA THR B 36 24.84 11.00 -14.87
C THR B 36 23.37 10.76 -14.53
N TYR B 37 22.84 9.62 -14.93
CA TYR B 37 21.40 9.36 -14.84
C TYR B 37 20.99 8.65 -13.56
N LEU B 38 20.80 9.43 -12.50
CA LEU B 38 20.32 8.91 -11.23
C LEU B 38 19.09 9.69 -10.77
N ASN B 39 18.05 8.96 -10.39
CA ASN B 39 16.83 9.58 -9.90
C ASN B 39 16.57 9.31 -8.42
N TRP B 40 15.86 10.24 -7.79
CA TRP B 40 15.32 10.01 -6.45
C TRP B 40 13.81 10.12 -6.53
N LEU B 41 13.11 9.09 -6.05
CA LEU B 41 11.66 9.11 -6.04
C LEU B 41 11.10 8.78 -4.67
N LEU B 42 9.90 9.28 -4.39
CA LEU B 42 9.25 9.05 -3.12
C LEU B 42 7.87 8.47 -3.33
N GLN B 43 7.51 7.47 -2.52
CA GLN B 43 6.19 6.88 -2.59
C GLN B 43 5.49 6.95 -1.25
N ARG B 44 4.27 7.48 -1.26
CA ARG B 44 3.40 7.43 -0.09
C ARG B 44 2.44 6.27 -0.28
N PRO B 45 2.34 5.41 0.75
CA PRO B 45 1.60 4.14 0.72
C PRO B 45 0.20 4.24 0.08
N GLY B 46 -0.07 3.35 -0.87
CA GLY B 46 -1.34 3.32 -1.54
C GLY B 46 -1.39 4.21 -2.76
N GLN B 47 -0.37 5.04 -2.93
CA GLN B 47 -0.32 5.99 -4.05
C GLN B 47 0.85 5.72 -4.98
N SER B 48 0.75 6.24 -6.19
CA SER B 48 1.78 6.05 -7.21
C SER B 48 3.05 6.80 -6.82
N PRO B 49 4.22 6.16 -7.05
CA PRO B 49 5.52 6.77 -6.76
C PRO B 49 5.71 8.08 -7.52
N LYS B 50 6.25 9.10 -6.84
CA LYS B 50 6.48 10.39 -7.44
C LYS B 50 7.96 10.71 -7.52
N ARG B 51 8.42 11.15 -8.69
CA ARG B 51 9.82 11.50 -8.87
C ARG B 51 10.14 12.83 -8.21
N LEU B 52 11.25 12.89 -7.48
CA LEU B 52 11.67 14.11 -6.82
C LEU B 52 12.82 14.76 -7.58
N ILE B 53 13.84 13.95 -7.85
CA ILE B 53 15.07 14.44 -8.47
C ILE B 53 15.47 13.57 -9.65
N TYR B 54 15.93 14.21 -10.73
CA TYR B 54 16.51 13.51 -11.86
C TYR B 54 17.88 14.11 -12.18
N LEU B 55 18.71 13.35 -12.89
CA LEU B 55 20.08 13.77 -13.20
C LEU B 55 20.85 14.18 -11.95
N VAL B 56 20.80 13.33 -10.93
CA VAL B 56 21.53 13.50 -9.67
C VAL B 56 21.03 14.64 -8.79
N SER B 57 20.88 15.84 -9.35
CA SER B 57 20.63 17.02 -8.53
C SER B 57 19.52 17.94 -9.03
N LYS B 58 18.89 17.59 -10.16
CA LYS B 58 17.85 18.44 -10.72
C LYS B 58 16.46 18.09 -10.16
N LEU B 59 15.79 19.09 -9.59
CA LEU B 59 14.51 18.89 -8.94
C LEU B 59 13.33 19.02 -9.89
N ASP B 60 12.34 18.15 -9.73
CA ASP B 60 11.08 18.29 -10.46
C ASP B 60 10.30 19.46 -9.87
N SER B 61 9.36 19.99 -10.63
CA SER B 61 8.54 21.11 -10.17
C SER B 61 7.67 20.69 -8.99
N GLY B 62 7.53 21.58 -8.02
CA GLY B 62 6.72 21.31 -6.85
C GLY B 62 7.54 20.78 -5.68
N VAL B 63 8.68 20.17 -5.99
CA VAL B 63 9.57 19.63 -4.97
C VAL B 63 10.31 20.74 -4.23
N PRO B 64 10.16 20.79 -2.90
CA PRO B 64 10.79 21.81 -2.06
C PRO B 64 12.31 21.82 -2.17
N ASP B 65 12.92 22.95 -1.87
CA ASP B 65 14.37 23.09 -1.93
C ASP B 65 15.05 22.37 -0.77
N ARG B 66 14.25 21.88 0.17
CA ARG B 66 14.77 21.14 1.31
C ARG B 66 15.41 19.84 0.86
N PHE B 67 14.98 19.33 -0.29
CA PHE B 67 15.55 18.13 -0.88
C PHE B 67 16.71 18.48 -1.79
N THR B 68 17.86 17.87 -1.53
CA THR B 68 19.07 18.13 -2.31
C THR B 68 19.78 16.84 -2.67
N GLY B 69 19.97 16.60 -3.97
CA GLY B 69 20.69 15.44 -4.43
C GLY B 69 22.11 15.77 -4.82
N SER B 70 23.03 14.84 -4.59
CA SER B 70 24.43 15.04 -4.96
C SER B 70 25.13 13.70 -5.20
N GLY B 71 26.41 13.79 -5.57
CA GLY B 71 27.21 12.60 -5.80
C GLY B 71 27.63 12.43 -7.25
N SER B 72 28.43 11.41 -7.51
CA SER B 72 28.90 11.13 -8.86
C SER B 72 29.37 9.69 -8.98
N GLY B 73 29.49 9.20 -10.20
CA GLY B 73 29.97 7.86 -10.46
C GLY B 73 29.07 6.79 -9.90
N THR B 74 29.44 6.26 -8.74
CA THR B 74 28.67 5.19 -8.11
C THR B 74 28.08 5.61 -6.77
N ASP B 75 28.58 6.71 -6.20
CA ASP B 75 28.13 7.16 -4.89
C ASP B 75 27.19 8.35 -4.98
N PHE B 76 26.03 8.24 -4.35
CA PHE B 76 25.02 9.29 -4.40
C PHE B 76 24.35 9.49 -3.05
N THR B 77 23.81 10.70 -2.83
CA THR B 77 23.21 11.06 -1.56
C THR B 77 21.97 11.95 -1.75
N LEU B 78 20.89 11.61 -1.08
CA LEU B 78 19.73 12.49 -0.99
C LEU B 78 19.74 13.17 0.37
N LYS B 79 19.63 14.50 0.37
CA LYS B 79 19.69 15.25 1.62
C LYS B 79 18.43 16.06 1.86
N ILE B 80 17.83 15.85 3.03
CA ILE B 80 16.68 16.65 3.45
C ILE B 80 17.09 17.59 4.57
N SER B 81 17.17 18.89 4.25
CA SER B 81 17.68 19.89 5.18
C SER B 81 16.88 20.00 6.49
N ARG B 82 15.57 19.90 6.39
CA ARG B 82 14.72 19.88 7.59
C ARG B 82 13.44 19.08 7.35
N VAL B 83 13.38 17.92 7.99
CA VAL B 83 12.30 16.98 7.76
C VAL B 83 10.95 17.47 8.27
N GLU B 84 9.95 17.42 7.39
CA GLU B 84 8.58 17.73 7.77
C GLU B 84 7.76 16.43 7.83
N ALA B 85 6.63 16.48 8.51
CA ALA B 85 5.81 15.29 8.74
C ALA B 85 5.26 14.70 7.44
N GLU B 86 5.10 15.55 6.43
CA GLU B 86 4.57 15.10 5.14
C GLU B 86 5.65 14.51 4.25
N ASP B 87 6.89 14.48 4.75
CA ASP B 87 7.98 13.89 3.98
C ASP B 87 8.05 12.39 4.15
N LEU B 88 7.17 11.83 4.99
CA LEU B 88 7.19 10.39 5.26
C LEU B 88 6.87 9.56 4.03
N GLY B 89 7.29 8.30 4.06
CA GLY B 89 7.08 7.40 2.94
C GLY B 89 8.35 6.64 2.64
N ILE B 90 8.39 5.99 1.48
CA ILE B 90 9.57 5.23 1.08
C ILE B 90 10.28 5.94 -0.06
N TYR B 91 11.57 6.22 0.15
CA TYR B 91 12.39 6.86 -0.88
C TYR B 91 13.19 5.82 -1.64
N TYR B 92 13.15 5.91 -2.97
CA TYR B 92 13.91 5.00 -3.82
C TYR B 92 14.91 5.77 -4.68
N CYS B 93 16.08 5.21 -4.89
CA CYS B 93 17.00 5.71 -5.90
C CYS B 93 16.83 4.86 -7.15
N TRP B 94 17.19 5.41 -8.30
CA TRP B 94 16.95 4.76 -9.57
C TRP B 94 17.98 5.16 -10.62
N GLN B 95 18.47 4.19 -11.38
CA GLN B 95 19.45 4.47 -12.41
C GLN B 95 18.85 4.29 -13.82
N GLY B 96 19.30 5.13 -14.74
CA GLY B 96 18.82 5.06 -16.11
C GLY B 96 19.96 5.05 -17.11
N ALA B 97 21.17 4.80 -16.62
CA ALA B 97 22.36 4.79 -17.47
C ALA B 97 22.50 3.45 -18.19
N HIS B 98 21.86 2.41 -17.66
CA HIS B 98 21.92 1.09 -18.26
C HIS B 98 20.55 0.40 -18.22
N PHE B 99 20.19 -0.25 -19.32
CA PHE B 99 18.99 -1.06 -19.33
C PHE B 99 19.35 -2.51 -19.02
N PRO B 100 18.56 -3.20 -18.18
CA PRO B 100 17.32 -2.75 -17.52
C PRO B 100 17.51 -1.67 -16.47
N TYR B 101 16.67 -0.64 -16.52
CA TYR B 101 16.65 0.38 -15.50
C TYR B 101 16.27 -0.30 -14.18
N THR B 102 16.98 0.04 -13.11
CA THR B 102 16.76 -0.62 -11.83
C THR B 102 16.52 0.34 -10.67
N PHE B 103 15.77 -0.11 -9.69
CA PHE B 103 15.47 0.68 -8.50
C PHE B 103 16.27 0.17 -7.31
N GLY B 104 16.43 1.01 -6.30
CA GLY B 104 17.03 0.59 -5.06
C GLY B 104 16.00 -0.12 -4.18
N GLY B 105 16.45 -0.73 -3.10
CA GLY B 105 15.55 -1.43 -2.20
C GLY B 105 14.54 -0.53 -1.52
N GLY B 106 14.93 0.73 -1.32
CA GLY B 106 14.06 1.70 -0.69
C GLY B 106 14.48 2.06 0.72
N THR B 107 14.10 3.26 1.15
CA THR B 107 14.38 3.72 2.51
C THR B 107 13.13 4.34 3.12
N LYS B 108 12.58 3.69 4.14
CA LYS B 108 11.36 4.18 4.76
C LYS B 108 11.66 5.29 5.77
N LEU B 109 11.07 6.45 5.54
CA LEU B 109 11.26 7.59 6.44
C LEU B 109 10.15 7.66 7.47
N GLU B 110 10.48 7.38 8.73
CA GLU B 110 9.53 7.49 9.81
C GLU B 110 9.68 8.82 10.54
N ILE B 111 8.57 9.50 10.77
CA ILE B 111 8.58 10.75 11.51
C ILE B 111 8.63 10.47 13.01
N LYS B 112 9.68 10.93 13.66
CA LYS B 112 9.87 10.69 15.10
C LYS B 112 9.08 11.72 15.91
N ARG B 113 8.11 11.24 16.68
CA ARG B 113 7.29 12.13 17.50
C ARG B 113 7.27 11.66 18.95
N ALA B 114 6.51 12.37 19.78
CA ALA B 114 6.39 12.03 21.19
C ALA B 114 5.58 10.75 21.37
N ASP B 115 5.86 10.03 22.45
CA ASP B 115 5.14 8.80 22.76
C ASP B 115 3.65 9.09 22.95
N ALA B 116 2.81 8.20 22.43
CA ALA B 116 1.37 8.35 22.54
C ALA B 116 0.71 7.01 22.85
N ALA B 117 -0.17 7.00 23.84
CA ALA B 117 -0.89 5.80 24.24
C ALA B 117 -1.96 5.44 23.21
N PRO B 118 -2.16 4.14 22.97
CA PRO B 118 -3.20 3.71 22.03
C PRO B 118 -4.60 3.82 22.62
N THR B 119 -5.53 4.34 21.84
CA THR B 119 -6.93 4.36 22.23
C THR B 119 -7.56 3.01 21.89
N VAL B 120 -7.66 2.14 22.88
CA VAL B 120 -8.09 0.76 22.66
C VAL B 120 -9.61 0.58 22.69
N SER B 121 -10.10 -0.34 21.87
CA SER B 121 -11.52 -0.66 21.81
C SER B 121 -11.72 -2.12 21.43
N ILE B 122 -12.53 -2.83 22.20
CA ILE B 122 -12.79 -4.24 21.94
C ILE B 122 -14.22 -4.46 21.44
N PHE B 123 -14.38 -5.40 20.51
CA PHE B 123 -15.68 -5.64 19.90
C PHE B 123 -16.02 -7.13 19.82
N PRO B 124 -17.13 -7.54 20.46
CA PRO B 124 -17.62 -8.92 20.37
C PRO B 124 -18.16 -9.21 18.98
N PRO B 125 -18.27 -10.50 18.61
CA PRO B 125 -18.81 -10.89 17.30
C PRO B 125 -20.19 -10.31 17.03
N SER B 126 -20.50 -10.06 15.76
CA SER B 126 -21.79 -9.50 15.39
C SER B 126 -22.90 -10.53 15.49
N SER B 127 -24.13 -10.10 15.19
CA SER B 127 -25.27 -11.00 15.17
C SER B 127 -25.21 -11.88 13.92
N GLU B 128 -24.70 -11.29 12.84
CA GLU B 128 -24.60 -11.99 11.56
C GLU B 128 -23.54 -13.08 11.59
N GLN B 129 -22.47 -12.86 12.34
CA GLN B 129 -21.35 -13.80 12.36
C GLN B 129 -21.65 -15.04 13.19
N LEU B 130 -22.14 -14.84 14.41
CA LEU B 130 -22.46 -15.94 15.31
C LEU B 130 -23.53 -16.85 14.71
N THR B 131 -24.53 -16.25 14.08
CA THR B 131 -25.62 -17.01 13.48
C THR B 131 -25.15 -17.73 12.21
N SER B 132 -23.96 -17.40 11.73
CA SER B 132 -23.39 -18.01 10.54
C SER B 132 -22.43 -19.14 10.89
N GLY B 133 -22.05 -19.23 12.16
CA GLY B 133 -21.18 -20.30 12.62
C GLY B 133 -19.80 -19.84 13.00
N GLY B 134 -19.47 -18.59 12.66
CA GLY B 134 -18.16 -18.04 12.98
C GLY B 134 -18.20 -17.12 14.18
N ALA B 135 -17.02 -16.69 14.62
CA ALA B 135 -16.90 -15.80 15.77
C ALA B 135 -15.57 -15.07 15.81
N SER B 136 -15.58 -13.77 15.54
CA SER B 136 -14.37 -12.97 15.59
C SER B 136 -14.51 -11.78 16.53
N VAL B 137 -13.61 -11.69 17.50
CA VAL B 137 -13.58 -10.55 18.40
C VAL B 137 -12.47 -9.58 17.96
N VAL B 138 -12.86 -8.33 17.69
CA VAL B 138 -11.95 -7.34 17.13
C VAL B 138 -11.50 -6.32 18.17
N CYS B 139 -10.18 -6.07 18.20
CA CYS B 139 -9.60 -5.09 19.11
C CYS B 139 -8.87 -4.01 18.31
N PHE B 140 -9.33 -2.77 18.46
CA PHE B 140 -8.72 -1.64 17.75
C PHE B 140 -7.75 -0.88 18.64
N LEU B 141 -6.62 -0.49 18.06
CA LEU B 141 -5.64 0.34 18.76
C LEU B 141 -5.32 1.55 17.89
N ASN B 142 -5.93 2.69 18.19
CA ASN B 142 -5.81 3.86 17.32
C ASN B 142 -4.89 4.96 17.85
N ASN B 143 -4.11 5.53 16.93
CA ASN B 143 -3.29 6.72 17.19
C ASN B 143 -2.28 6.55 18.32
N PHE B 144 -1.25 5.74 18.08
CA PHE B 144 -0.21 5.53 19.08
C PHE B 144 1.20 5.69 18.49
N TYR B 145 2.17 5.86 19.38
CA TYR B 145 3.57 5.94 19.00
C TYR B 145 4.45 5.53 20.19
N PRO B 146 5.51 4.75 19.94
CA PRO B 146 5.99 4.26 18.64
C PRO B 146 5.18 3.09 18.09
N LYS B 147 5.56 2.63 16.90
CA LYS B 147 4.84 1.57 16.21
C LYS B 147 4.99 0.24 16.94
N ASP B 148 6.14 0.04 17.58
CA ASP B 148 6.42 -1.20 18.28
C ASP B 148 5.43 -1.47 19.40
N ILE B 149 4.53 -2.41 19.18
CA ILE B 149 3.53 -2.77 20.16
C ILE B 149 2.98 -4.16 19.88
N ASN B 150 2.58 -4.86 20.94
CA ASN B 150 2.03 -6.21 20.79
C ASN B 150 0.75 -6.39 21.59
N VAL B 151 -0.21 -7.10 21.00
CA VAL B 151 -1.50 -7.33 21.64
C VAL B 151 -1.67 -8.79 22.04
N LYS B 152 -1.93 -9.03 23.31
CA LYS B 152 -2.16 -10.38 23.82
C LYS B 152 -3.64 -10.60 24.10
N TRP B 153 -4.16 -11.74 23.68
CA TRP B 153 -5.56 -12.07 23.88
C TRP B 153 -5.77 -12.99 25.08
N LYS B 154 -6.89 -12.84 25.75
CA LYS B 154 -7.24 -13.69 26.89
C LYS B 154 -8.70 -14.11 26.86
N ILE B 155 -8.93 -15.42 26.94
CA ILE B 155 -10.29 -15.96 26.92
C ILE B 155 -10.60 -16.68 28.24
N ASP B 156 -11.49 -16.10 29.02
CA ASP B 156 -11.89 -16.65 30.32
C ASP B 156 -10.70 -16.94 31.24
N GLY B 157 -9.66 -16.10 31.14
CA GLY B 157 -8.47 -16.28 31.94
C GLY B 157 -7.25 -16.64 31.11
N SER B 158 -7.30 -17.80 30.47
CA SER B 158 -6.18 -18.28 29.67
C SER B 158 -6.05 -17.50 28.36
N GLU B 159 -4.94 -17.70 27.66
CA GLU B 159 -4.66 -16.98 26.43
C GLU B 159 -4.72 -17.87 25.20
N ARG B 160 -5.06 -17.27 24.06
CA ARG B 160 -5.06 -17.96 22.78
C ARG B 160 -4.24 -17.18 21.75
N GLN B 161 -3.24 -17.84 21.18
CA GLN B 161 -2.34 -17.19 20.24
C GLN B 161 -2.70 -17.48 18.78
N ASN B 162 -3.32 -18.63 18.55
CA ASN B 162 -3.74 -19.01 17.21
C ASN B 162 -5.09 -18.43 16.83
N GLY B 163 -5.22 -17.99 15.58
CA GLY B 163 -6.45 -17.39 15.11
C GLY B 163 -6.41 -15.87 15.22
N VAL B 164 -5.21 -15.32 15.31
CA VAL B 164 -5.03 -13.87 15.43
C VAL B 164 -4.48 -13.24 14.16
N LEU B 165 -5.20 -12.25 13.65
CA LEU B 165 -4.73 -11.47 12.50
C LEU B 165 -4.48 -10.03 12.89
N ASN B 166 -3.25 -9.57 12.70
CA ASN B 166 -2.87 -8.21 13.04
C ASN B 166 -2.60 -7.37 11.80
N SER B 167 -2.91 -6.08 11.88
CA SER B 167 -2.71 -5.18 10.74
C SER B 167 -2.43 -3.75 11.20
N TRP B 168 -1.26 -3.25 10.83
CA TRP B 168 -0.88 -1.89 11.15
C TRP B 168 -1.16 -0.96 9.98
N THR B 169 -1.71 0.22 10.27
CA THR B 169 -1.83 1.24 9.25
C THR B 169 -0.44 1.84 9.03
N ASP B 170 -0.27 2.52 7.89
CA ASP B 170 0.96 3.26 7.65
C ASP B 170 0.94 4.51 8.51
N GLN B 171 2.12 5.09 8.74
CA GLN B 171 2.23 6.27 9.58
C GLN B 171 1.41 7.44 9.02
N ASP B 172 0.56 8.01 9.86
CA ASP B 172 -0.28 9.13 9.46
C ASP B 172 0.58 10.35 9.16
N SER B 173 0.23 11.07 8.10
CA SER B 173 1.03 12.21 7.66
C SER B 173 0.81 13.45 8.51
N LYS B 174 -0.27 13.45 9.28
CA LYS B 174 -0.65 14.62 10.06
C LYS B 174 -0.17 14.56 11.51
N ASP B 175 -0.56 13.52 12.23
CA ASP B 175 -0.18 13.40 13.64
C ASP B 175 1.00 12.45 13.86
N SER B 176 1.47 11.82 12.78
CA SER B 176 2.62 10.92 12.80
C SER B 176 2.42 9.71 13.74
N THR B 177 1.18 9.32 13.95
CA THR B 177 0.87 8.20 14.82
C THR B 177 0.55 6.94 14.02
N TYR B 178 0.43 5.82 14.72
CA TYR B 178 0.09 4.56 14.09
C TYR B 178 -1.23 4.03 14.64
N SER B 179 -1.93 3.23 13.83
CA SER B 179 -3.11 2.52 14.29
C SER B 179 -2.96 1.04 13.97
N MET B 180 -3.56 0.19 14.79
CA MET B 180 -3.37 -1.25 14.64
C MET B 180 -4.63 -2.04 14.99
N SER B 181 -4.97 -2.99 14.13
CA SER B 181 -6.16 -3.83 14.35
C SER B 181 -5.76 -5.27 14.65
N SER B 182 -6.41 -5.85 15.66
CA SER B 182 -6.15 -7.24 16.03
C SER B 182 -7.46 -8.03 16.09
N THR B 183 -7.57 -9.03 15.23
CA THR B 183 -8.78 -9.84 15.15
C THR B 183 -8.54 -11.28 15.58
N LEU B 184 -9.19 -11.70 16.66
CA LEU B 184 -9.13 -13.07 17.12
C LEU B 184 -10.29 -13.88 16.54
N THR B 185 -9.96 -14.88 15.72
CA THR B 185 -10.97 -15.63 14.99
C THR B 185 -11.14 -17.06 15.52
N LEU B 186 -12.40 -17.42 15.81
CA LEU B 186 -12.75 -18.78 16.20
C LEU B 186 -14.19 -19.09 15.83
N THR B 187 -14.70 -20.23 16.28
CA THR B 187 -16.06 -20.65 15.95
C THR B 187 -17.05 -20.26 17.04
N LYS B 188 -18.34 -20.28 16.70
CA LYS B 188 -19.39 -19.98 17.66
C LYS B 188 -19.41 -21.04 18.76
N ASP B 189 -19.04 -22.25 18.40
CA ASP B 189 -18.94 -23.35 19.36
C ASP B 189 -17.86 -23.05 20.38
N GLU B 190 -16.81 -22.37 19.94
CA GLU B 190 -15.70 -21.99 20.81
C GLU B 190 -16.06 -20.71 21.58
N TYR B 191 -16.88 -19.87 20.97
CA TYR B 191 -17.25 -18.58 21.56
C TYR B 191 -18.31 -18.71 22.66
N GLU B 192 -19.39 -19.43 22.36
CA GLU B 192 -20.51 -19.56 23.29
C GLU B 192 -20.15 -20.35 24.55
N ARG B 193 -19.06 -21.11 24.49
CA ARG B 193 -18.61 -21.90 25.63
C ARG B 193 -17.68 -21.10 26.54
N HIS B 194 -17.64 -19.79 26.35
CA HIS B 194 -16.85 -18.90 27.19
C HIS B 194 -17.57 -17.56 27.39
N ASN B 195 -17.18 -16.83 28.44
CA ASN B 195 -17.82 -15.56 28.75
C ASN B 195 -16.92 -14.35 28.56
N SER B 196 -15.82 -14.29 29.31
CA SER B 196 -14.93 -13.14 29.29
C SER B 196 -13.86 -13.21 28.21
N TYR B 197 -13.69 -12.11 27.48
CA TYR B 197 -12.65 -12.00 26.45
C TYR B 197 -11.90 -10.69 26.65
N THR B 198 -10.59 -10.71 26.40
CA THR B 198 -9.77 -9.54 26.67
C THR B 198 -8.60 -9.40 25.70
N CYS B 199 -8.45 -8.19 25.15
CA CYS B 199 -7.27 -7.85 24.37
C CYS B 199 -6.34 -6.99 25.22
N GLU B 200 -5.09 -7.44 25.37
CA GLU B 200 -4.14 -6.80 26.27
C GLU B 200 -2.97 -6.17 25.51
N ALA B 201 -2.95 -4.85 25.45
CA ALA B 201 -1.92 -4.12 24.72
C ALA B 201 -0.74 -3.77 25.62
N THR B 202 0.45 -4.19 25.22
CA THR B 202 1.66 -3.88 25.97
C THR B 202 2.50 -2.83 25.27
N HIS B 203 2.37 -1.58 25.71
CA HIS B 203 3.10 -0.47 25.12
C HIS B 203 4.03 0.13 26.18
N LYS B 204 5.06 0.86 25.72
CA LYS B 204 6.01 1.46 26.63
C LYS B 204 5.49 2.78 27.19
N THR B 205 4.29 3.14 26.78
CA THR B 205 3.65 4.38 27.23
C THR B 205 3.06 4.23 28.63
N SER B 206 3.03 2.99 29.12
CA SER B 206 2.48 2.71 30.44
C SER B 206 3.17 1.51 31.09
N THR B 207 3.22 1.51 32.42
CA THR B 207 3.80 0.40 33.16
C THR B 207 2.90 -0.83 33.06
N SER B 208 1.64 -0.65 33.40
CA SER B 208 0.65 -1.72 33.27
C SER B 208 -0.01 -1.64 31.90
N PRO B 209 -0.29 -2.80 31.30
CA PRO B 209 -0.92 -2.87 29.97
C PRO B 209 -2.31 -2.25 29.97
N ILE B 210 -2.69 -1.63 28.84
CA ILE B 210 -4.03 -1.06 28.70
C ILE B 210 -5.01 -2.18 28.33
N VAL B 211 -6.13 -2.23 29.06
CA VAL B 211 -7.02 -3.37 28.96
C VAL B 211 -8.48 -3.02 28.65
N LYS B 212 -9.04 -3.70 27.65
CA LYS B 212 -10.47 -3.64 27.36
C LYS B 212 -11.04 -5.05 27.36
N SER B 213 -12.20 -5.24 27.99
CA SER B 213 -12.78 -6.56 28.10
C SER B 213 -14.31 -6.56 28.13
N PHE B 214 -14.90 -7.73 27.90
CA PHE B 214 -16.35 -7.90 27.96
C PHE B 214 -16.68 -9.33 28.38
N ASN B 215 -17.92 -9.53 28.85
CA ASN B 215 -18.34 -10.86 29.31
C ASN B 215 -19.59 -11.39 28.59
N ARG B 216 -19.39 -12.26 27.61
CA ARG B 216 -20.49 -12.95 26.94
C ARG B 216 -20.06 -14.32 26.43
#